data_6QZU
#
_entry.id   6QZU
#
_cell.length_a   46.552
_cell.length_b   71.358
_cell.length_c   94.954
_cell.angle_alpha   90.00
_cell.angle_beta   90.00
_cell.angle_gamma   90.00
#
_symmetry.space_group_name_H-M   'P 21 21 21'
#
loop_
_entity.id
_entity.type
_entity.pdbx_description
1 polymer 'Non-structural polyprotein'
2 non-polymer DI(HYDROXYETHYL)ETHER
3 non-polymer 1,2-ETHANEDIOL
4 water water
#
_entity_poly.entity_id   1
_entity_poly.type   'polypeptide(L)'
_entity_poly.pdbx_seq_one_letter_code
;MKAPSYRVRRADISGHGEEAVVNAANAKGTVSDGVCRAVAKKWPSSFKGAATPVGTAKMIRADGMTVIHAVGPNFSTVTE
AEGDRELAAAYRAVASIISTNNIKSVAVPLLSTGTFSGGKDRVMQSLNHLFTALDATDADVVIYCRDKNWEKKIQEAIDR
RTHHHHHH
;
_entity_poly.pdbx_strand_id   A,B
#
loop_
_chem_comp.id
_chem_comp.type
_chem_comp.name
_chem_comp.formula
EDO non-polymer 1,2-ETHANEDIOL 'C2 H6 O2'
PEG non-polymer DI(HYDROXYETHYL)ETHER 'C4 H10 O3'
#
# COMPACT_ATOMS: atom_id res chain seq x y z
N ALA A 3 -26.90 13.22 -14.90
CA ALA A 3 -25.81 14.24 -15.01
C ALA A 3 -24.91 14.26 -13.76
N PRO A 4 -23.57 14.27 -13.93
CA PRO A 4 -22.68 14.28 -12.77
C PRO A 4 -22.54 15.65 -12.14
N SER A 5 -22.07 15.70 -10.90
CA SER A 5 -21.66 16.98 -10.28
C SER A 5 -20.13 16.94 -10.07
N TYR A 6 -19.50 18.11 -10.09
CA TYR A 6 -18.05 18.20 -9.87
C TYR A 6 -17.77 19.21 -8.78
N ARG A 7 -16.92 18.84 -7.84
CA ARG A 7 -16.33 19.85 -6.97
C ARG A 7 -14.86 19.52 -6.72
N VAL A 8 -14.15 20.48 -6.16
CA VAL A 8 -12.73 20.32 -5.95
C VAL A 8 -12.42 20.45 -4.48
N ARG A 9 -11.51 19.62 -4.00
CA ARG A 9 -11.09 19.63 -2.62
C ARG A 9 -9.57 19.63 -2.54
N ARG A 10 -9.00 20.56 -1.81
CA ARG A 10 -7.56 20.60 -1.59
C ARG A 10 -7.28 19.86 -0.29
N ALA A 11 -6.97 18.57 -0.40
CA ALA A 11 -6.82 17.72 0.76
C ALA A 11 -6.23 16.37 0.40
N ASP A 12 -5.82 15.66 1.44
CA ASP A 12 -5.33 14.28 1.31
C ASP A 12 -6.48 13.41 0.81
N ILE A 13 -6.28 12.77 -0.34
CA ILE A 13 -7.33 11.94 -0.92
C ILE A 13 -7.73 10.77 -0.03
N SER A 14 -6.85 10.34 0.88
CA SER A 14 -7.17 9.24 1.79
C SER A 14 -8.22 9.58 2.85
N GLY A 15 -8.45 10.86 3.10
CA GLY A 15 -9.54 11.32 3.94
C GLY A 15 -10.85 11.66 3.22
N HIS A 16 -11.06 11.14 2.01
CA HIS A 16 -12.24 11.49 1.22
C HIS A 16 -13.54 10.91 1.83
N GLY A 17 -14.69 11.54 1.55
CA GLY A 17 -15.99 11.10 2.06
C GLY A 17 -16.92 10.46 1.02
N GLU A 18 -16.33 9.95 -0.05
CA GLU A 18 -17.05 9.39 -1.20
CA GLU A 18 -17.04 9.38 -1.20
C GLU A 18 -17.07 7.85 -1.13
N GLU A 19 -17.85 7.25 -2.02
CA GLU A 19 -18.10 5.82 -2.03
C GLU A 19 -16.91 5.05 -2.58
N ALA A 20 -16.18 5.66 -3.52
CA ALA A 20 -15.02 5.03 -4.12
C ALA A 20 -13.92 6.04 -4.26
N VAL A 21 -12.71 5.53 -4.47
CA VAL A 21 -11.56 6.37 -4.71
C VAL A 21 -10.81 5.88 -5.93
N VAL A 22 -10.35 6.82 -6.75
CA VAL A 22 -9.41 6.51 -7.84
C VAL A 22 -7.95 6.69 -7.39
N ASN A 23 -7.14 5.63 -7.52
CA ASN A 23 -5.72 5.71 -7.31
C ASN A 23 -5.06 6.11 -8.62
N ALA A 24 -4.13 7.07 -8.56
CA ALA A 24 -3.22 7.35 -9.68
C ALA A 24 -2.17 6.25 -9.66
N ALA A 25 -2.50 5.10 -10.25
CA ALA A 25 -1.69 3.90 -10.16
C ALA A 25 -0.59 3.87 -11.23
N ASN A 26 0.31 2.92 -11.06
CA ASN A 26 1.21 2.54 -12.12
C ASN A 26 0.85 1.13 -12.56
N ALA A 27 1.34 0.81 -13.75
CA ALA A 27 0.94 -0.40 -14.44
C ALA A 27 1.30 -1.66 -13.65
N LYS A 28 2.41 -1.62 -12.94
CA LYS A 28 2.91 -2.79 -12.18
C LYS A 28 2.18 -3.03 -10.85
N GLY A 29 1.36 -2.09 -10.40
CA GLY A 29 0.66 -2.23 -9.12
C GLY A 29 1.56 -2.01 -7.91
N THR A 30 2.64 -1.26 -8.07
CA THR A 30 3.56 -0.97 -6.98
C THR A 30 3.18 0.33 -6.29
N VAL A 31 3.60 0.47 -5.04
CA VAL A 31 3.37 1.70 -4.27
C VAL A 31 4.45 2.74 -4.64
N SER A 32 4.02 3.93 -5.03
CA SER A 32 4.93 5.05 -5.31
C SER A 32 4.47 6.31 -4.58
N ASP A 33 5.34 7.32 -4.53
CA ASP A 33 5.10 8.55 -3.76
C ASP A 33 3.86 9.28 -4.21
N GLY A 34 3.24 10.00 -3.28
CA GLY A 34 2.05 10.81 -3.58
C GLY A 34 0.73 10.12 -3.24
N VAL A 35 -0.27 10.36 -4.09
CA VAL A 35 -1.61 9.76 -3.93
C VAL A 35 -1.51 8.24 -3.72
N CYS A 36 -0.69 7.59 -4.53
CA CYS A 36 -0.57 6.13 -4.47
C CYS A 36 -0.15 5.64 -3.08
N ARG A 37 0.85 6.30 -2.48
CA ARG A 37 1.31 5.96 -1.13
C ARG A 37 0.23 6.22 -0.07
N ALA A 38 -0.52 7.30 -0.23
CA ALA A 38 -1.64 7.61 0.66
C ALA A 38 -2.74 6.54 0.60
N VAL A 39 -3.09 6.13 -0.61
CA VAL A 39 -4.07 5.08 -0.82
C VAL A 39 -3.56 3.76 -0.17
N ALA A 40 -2.28 3.45 -0.35
CA ALA A 40 -1.69 2.20 0.17
C ALA A 40 -1.59 2.18 1.69
N LYS A 41 -1.42 3.34 2.32
CA LYS A 41 -1.40 3.40 3.78
C LYS A 41 -2.77 3.18 4.40
N LYS A 42 -3.79 3.74 3.74
CA LYS A 42 -5.16 3.70 4.21
C LYS A 42 -5.90 2.37 3.92
N TRP A 43 -5.66 1.81 2.74
CA TRP A 43 -6.32 0.59 2.26
C TRP A 43 -5.25 -0.34 1.68
N PRO A 44 -4.37 -0.84 2.54
CA PRO A 44 -3.19 -1.54 2.03
C PRO A 44 -3.50 -2.81 1.22
N SER A 45 -4.59 -3.51 1.53
CA SER A 45 -4.94 -4.73 0.76
C SER A 45 -5.54 -4.43 -0.62
N SER A 46 -5.86 -3.17 -0.91
CA SER A 46 -6.40 -2.81 -2.22
C SER A 46 -5.40 -2.97 -3.35
N PHE A 47 -4.11 -3.13 -3.07
CA PHE A 47 -3.10 -3.31 -4.10
C PHE A 47 -2.92 -4.77 -4.57
N LYS A 48 -3.50 -5.72 -3.85
CA LYS A 48 -3.41 -7.14 -4.23
C LYS A 48 -4.00 -7.34 -5.63
N GLY A 49 -3.14 -7.75 -6.57
CA GLY A 49 -3.56 -8.09 -7.93
C GLY A 49 -3.94 -6.89 -8.79
N ALA A 50 -3.53 -5.69 -8.38
CA ALA A 50 -4.00 -4.46 -9.04
C ALA A 50 -3.24 -4.10 -10.33
N ALA A 51 -2.21 -4.83 -10.73
CA ALA A 51 -1.48 -4.49 -11.97
C ALA A 51 -2.45 -4.44 -13.16
N THR A 52 -2.32 -3.40 -13.98
CA THR A 52 -3.22 -3.22 -15.13
C THR A 52 -2.48 -2.38 -16.18
N PRO A 53 -2.74 -2.61 -17.48
CA PRO A 53 -1.97 -1.90 -18.50
C PRO A 53 -2.23 -0.39 -18.49
N VAL A 54 -1.30 0.35 -19.08
CA VAL A 54 -1.48 1.80 -19.28
C VAL A 54 -2.76 2.04 -20.07
N GLY A 55 -3.51 3.05 -19.67
CA GLY A 55 -4.76 3.39 -20.33
C GLY A 55 -5.97 2.59 -19.88
N THR A 56 -5.86 1.79 -18.81
CA THR A 56 -6.99 1.02 -18.29
C THR A 56 -7.14 1.29 -16.81
N ALA A 57 -8.18 0.69 -16.22
CA ALA A 57 -8.41 0.77 -14.80
C ALA A 57 -8.92 -0.55 -14.27
N LYS A 58 -8.66 -0.77 -12.99
CA LYS A 58 -9.01 -2.02 -12.33
C LYS A 58 -9.50 -1.76 -10.89
N MET A 59 -10.69 -2.27 -10.57
CA MET A 59 -11.37 -2.05 -9.31
C MET A 59 -11.26 -3.25 -8.37
N ILE A 60 -11.20 -2.91 -7.08
CA ILE A 60 -11.18 -3.85 -5.98
C ILE A 60 -11.96 -3.24 -4.83
N ARG A 61 -12.64 -4.11 -4.09
CA ARG A 61 -13.25 -3.78 -2.84
C ARG A 61 -12.31 -4.35 -1.77
N ALA A 62 -11.71 -3.48 -0.98
CA ALA A 62 -10.77 -3.91 0.07
C ALA A 62 -10.79 -2.90 1.19
N ASP A 63 -10.65 -3.40 2.43
CA ASP A 63 -10.57 -2.55 3.61
C ASP A 63 -11.75 -1.59 3.75
N GLY A 64 -12.93 -2.08 3.38
CA GLY A 64 -14.16 -1.30 3.40
C GLY A 64 -14.23 -0.14 2.43
N MET A 65 -13.56 -0.26 1.30
CA MET A 65 -13.47 0.82 0.33
C MET A 65 -13.44 0.25 -1.08
N THR A 66 -13.99 1.01 -2.01
CA THR A 66 -13.88 0.67 -3.42
C THR A 66 -12.72 1.49 -4.01
N VAL A 67 -11.67 0.78 -4.40
CA VAL A 67 -10.48 1.43 -4.97
C VAL A 67 -10.39 1.12 -6.47
N ILE A 68 -10.28 2.17 -7.28
CA ILE A 68 -10.13 2.04 -8.74
C ILE A 68 -8.68 2.47 -9.14
N HIS A 69 -7.86 1.49 -9.51
CA HIS A 69 -6.49 1.76 -9.93
C HIS A 69 -6.49 2.12 -11.41
N ALA A 70 -6.27 3.39 -11.71
CA ALA A 70 -6.31 3.93 -13.03
C ALA A 70 -4.89 4.30 -13.41
N VAL A 71 -4.42 3.73 -14.53
CA VAL A 71 -3.04 3.95 -14.98
C VAL A 71 -3.04 4.91 -16.15
N GLY A 72 -2.70 6.16 -15.85
CA GLY A 72 -2.47 7.15 -16.89
C GLY A 72 -1.09 6.99 -17.48
N PRO A 73 -0.88 7.53 -18.70
CA PRO A 73 0.43 7.39 -19.33
C PRO A 73 1.51 8.19 -18.63
N ASN A 74 2.73 7.67 -18.74
CA ASN A 74 3.95 8.42 -18.42
C ASN A 74 4.40 9.08 -19.74
N PHE A 75 4.25 10.41 -19.78
CA PHE A 75 4.56 11.22 -20.96
C PHE A 75 6.03 11.25 -21.41
N SER A 76 6.94 10.81 -20.55
CA SER A 76 8.32 10.56 -20.95
C SER A 76 8.46 9.37 -21.92
N THR A 77 7.48 8.46 -21.92
CA THR A 77 7.58 7.15 -22.61
C THR A 77 6.66 6.99 -23.82
N VAL A 78 5.89 8.02 -24.14
CA VAL A 78 4.97 8.03 -25.25
C VAL A 78 5.07 9.37 -25.97
N THR A 79 4.58 9.41 -27.21
CA THR A 79 4.48 10.68 -27.92
C THR A 79 3.35 11.48 -27.30
N GLU A 80 3.33 12.77 -27.61
CA GLU A 80 2.31 13.63 -27.05
C GLU A 80 0.89 13.18 -27.42
N ALA A 81 0.67 12.91 -28.71
CA ALA A 81 -0.62 12.44 -29.19
C ALA A 81 -0.99 11.06 -28.58
N GLU A 82 0.00 10.17 -28.48
CA GLU A 82 -0.25 8.86 -27.87
C GLU A 82 -0.66 9.01 -26.40
N GLY A 83 0.07 9.81 -25.65
CA GLY A 83 -0.25 10.03 -24.25
C GLY A 83 -1.63 10.62 -24.07
N ASP A 84 -1.99 11.54 -24.96
CA ASP A 84 -3.31 12.17 -24.87
C ASP A 84 -4.41 11.12 -25.08
N ARG A 85 -4.21 10.24 -26.06
CA ARG A 85 -5.14 9.14 -26.28
C ARG A 85 -5.20 8.21 -25.07
N GLU A 86 -4.05 7.87 -24.50
CA GLU A 86 -4.00 6.94 -23.35
C GLU A 86 -4.60 7.56 -22.09
N LEU A 87 -4.34 8.85 -21.87
CA LEU A 87 -4.95 9.57 -20.76
C LEU A 87 -6.47 9.60 -20.87
N ALA A 88 -6.97 9.87 -22.07
CA ALA A 88 -8.40 9.82 -22.31
C ALA A 88 -8.98 8.43 -22.02
N ALA A 89 -8.30 7.40 -22.52
CA ALA A 89 -8.75 6.03 -22.29
C ALA A 89 -8.79 5.68 -20.80
N ALA A 90 -7.81 6.15 -20.02
CA ALA A 90 -7.73 5.82 -18.59
C ALA A 90 -8.95 6.36 -17.85
N TYR A 91 -9.30 7.61 -18.13
CA TYR A 91 -10.50 8.19 -17.58
C TYR A 91 -11.81 7.54 -18.08
N ARG A 92 -11.88 7.20 -19.37
CA ARG A 92 -13.02 6.41 -19.88
C ARG A 92 -13.14 5.05 -19.18
N ALA A 93 -12.00 4.42 -18.86
CA ALA A 93 -12.05 3.14 -18.14
C ALA A 93 -12.60 3.37 -16.72
N VAL A 94 -12.22 4.48 -16.10
CA VAL A 94 -12.74 4.85 -14.77
C VAL A 94 -14.26 5.05 -14.85
N ALA A 95 -14.71 5.79 -15.85
CA ALA A 95 -16.12 6.09 -15.98
C ALA A 95 -16.95 4.82 -16.18
N SER A 96 -16.41 3.91 -16.98
CA SER A 96 -17.05 2.65 -17.21
C SER A 96 -17.24 1.87 -15.89
N ILE A 97 -16.21 1.84 -15.05
CA ILE A 97 -16.28 1.17 -13.73
C ILE A 97 -17.32 1.86 -12.82
N ILE A 98 -17.32 3.19 -12.84
CA ILE A 98 -18.30 3.94 -12.06
CA ILE A 98 -18.30 3.92 -12.05
C ILE A 98 -19.71 3.52 -12.48
N SER A 99 -19.96 3.54 -13.78
CA SER A 99 -21.31 3.35 -14.31
CA SER A 99 -21.29 3.35 -14.34
C SER A 99 -21.78 1.93 -14.10
N THR A 100 -20.95 0.96 -14.44
CA THR A 100 -21.34 -0.45 -14.39
C THR A 100 -21.54 -0.98 -12.97
N ASN A 101 -20.86 -0.37 -12.01
CA ASN A 101 -20.97 -0.78 -10.61
C ASN A 101 -21.94 0.13 -9.81
N ASN A 102 -22.59 1.09 -10.49
CA ASN A 102 -23.56 1.97 -9.85
C ASN A 102 -22.93 2.76 -8.68
N ILE A 103 -21.70 3.20 -8.87
CA ILE A 103 -20.99 3.97 -7.86
C ILE A 103 -21.50 5.42 -7.93
N LYS A 104 -21.94 5.95 -6.80
CA LYS A 104 -22.68 7.23 -6.77
C LYS A 104 -21.84 8.46 -6.45
N SER A 105 -20.69 8.28 -5.81
CA SER A 105 -19.75 9.36 -5.61
C SER A 105 -18.32 8.81 -5.70
N VAL A 106 -17.39 9.66 -6.12
CA VAL A 106 -16.03 9.19 -6.36
C VAL A 106 -15.00 10.29 -6.17
N ALA A 107 -13.95 9.96 -5.44
CA ALA A 107 -12.80 10.83 -5.21
C ALA A 107 -11.76 10.56 -6.28
N VAL A 108 -11.42 11.60 -7.05
CA VAL A 108 -10.55 11.45 -8.22
C VAL A 108 -9.36 12.43 -8.18
N PRO A 109 -8.12 11.92 -8.30
CA PRO A 109 -6.96 12.75 -8.55
C PRO A 109 -6.77 13.01 -10.05
N LEU A 110 -5.92 13.97 -10.40
CA LEU A 110 -5.61 14.27 -11.79
C LEU A 110 -4.49 13.35 -12.25
N LEU A 111 -4.84 12.39 -13.10
CA LEU A 111 -3.89 11.40 -13.61
C LEU A 111 -2.83 12.04 -14.49
N SER A 112 -1.63 11.44 -14.48
CA SER A 112 -0.48 11.88 -15.28
C SER A 112 0.02 13.30 -15.04
N THR A 113 -0.24 13.89 -13.87
CA THR A 113 0.21 15.25 -13.54
C THR A 113 1.46 15.36 -12.66
N GLY A 114 2.02 14.26 -12.17
CA GLY A 114 3.17 14.36 -11.28
C GLY A 114 4.43 13.85 -11.97
N THR A 115 4.97 12.77 -11.46
CA THR A 115 6.15 12.13 -12.06
CA THR A 115 6.13 12.09 -12.05
C THR A 115 5.88 11.60 -13.49
N PHE A 116 4.61 11.47 -13.86
CA PHE A 116 4.20 11.05 -15.20
C PHE A 116 4.03 12.18 -16.22
N SER A 117 4.22 13.43 -15.80
CA SER A 117 3.88 14.56 -16.66
C SER A 117 4.93 14.87 -17.73
N GLY A 118 6.11 14.26 -17.64
CA GLY A 118 7.16 14.48 -18.62
C GLY A 118 7.62 15.93 -18.68
N GLY A 119 7.64 16.59 -17.53
CA GLY A 119 8.06 17.99 -17.45
C GLY A 119 7.17 19.04 -18.11
N LYS A 120 5.91 18.69 -18.38
CA LYS A 120 4.94 19.68 -18.87
C LYS A 120 3.81 19.76 -17.86
N ASP A 121 3.21 20.93 -17.73
CA ASP A 121 2.04 21.14 -16.90
C ASP A 121 0.83 20.45 -17.55
N ARG A 122 0.28 19.44 -16.89
CA ARG A 122 -0.83 18.65 -17.43
C ARG A 122 -2.14 18.72 -16.67
N VAL A 123 -2.26 19.68 -15.75
CA VAL A 123 -3.44 19.81 -14.89
C VAL A 123 -4.68 19.98 -15.73
N MET A 124 -4.65 20.94 -16.66
CA MET A 124 -5.83 21.22 -17.49
C MET A 124 -6.07 20.13 -18.54
N GLN A 125 -5.02 19.64 -19.16
CA GLN A 125 -5.16 18.49 -20.06
C GLN A 125 -5.87 17.33 -19.34
N SER A 126 -5.38 16.98 -18.16
CA SER A 126 -5.93 15.87 -17.39
C SER A 126 -7.35 16.14 -16.95
N LEU A 127 -7.59 17.35 -16.46
CA LEU A 127 -8.91 17.73 -16.03
C LEU A 127 -9.93 17.64 -17.15
N ASN A 128 -9.58 18.15 -18.33
CA ASN A 128 -10.52 18.13 -19.47
C ASN A 128 -10.87 16.70 -19.94
N HIS A 129 -9.91 15.78 -19.85
CA HIS A 129 -10.21 14.36 -20.10
C HIS A 129 -11.07 13.78 -19.00
N LEU A 130 -10.87 14.25 -17.77
CA LEU A 130 -11.67 13.80 -16.63
C LEU A 130 -13.11 14.20 -16.86
N PHE A 131 -13.35 15.45 -17.22
CA PHE A 131 -14.69 15.92 -17.54
C PHE A 131 -15.35 15.11 -18.64
N THR A 132 -14.64 14.92 -19.75
CA THR A 132 -15.24 14.27 -20.91
C THR A 132 -15.67 12.85 -20.53
N ALA A 133 -14.83 12.14 -19.78
CA ALA A 133 -15.12 10.74 -19.43
C ALA A 133 -16.24 10.61 -18.38
N LEU A 134 -16.12 11.37 -17.28
CA LEU A 134 -17.08 11.27 -16.18
CA LEU A 134 -17.07 11.31 -16.16
C LEU A 134 -18.42 11.95 -16.46
N ASP A 135 -18.47 12.75 -17.53
CA ASP A 135 -19.74 13.27 -18.02
C ASP A 135 -20.70 12.18 -18.48
N ALA A 136 -20.16 11.00 -18.83
CA ALA A 136 -20.99 9.85 -19.15
C ALA A 136 -21.69 9.23 -17.93
N THR A 137 -21.28 9.63 -16.72
CA THR A 137 -21.80 9.07 -15.47
C THR A 137 -22.78 10.01 -14.81
N ASP A 138 -23.42 9.51 -13.76
CA ASP A 138 -24.29 10.31 -12.92
C ASP A 138 -23.70 10.51 -11.49
N ALA A 139 -22.38 10.34 -11.35
CA ALA A 139 -21.76 10.33 -10.03
C ALA A 139 -21.46 11.75 -9.54
N ASP A 140 -21.42 11.92 -8.21
CA ASP A 140 -20.85 13.11 -7.59
C ASP A 140 -19.34 12.96 -7.59
N VAL A 141 -18.66 13.75 -8.40
CA VAL A 141 -17.21 13.64 -8.57
C VAL A 141 -16.51 14.69 -7.70
N VAL A 142 -15.60 14.24 -6.85
CA VAL A 142 -14.78 15.12 -6.03
C VAL A 142 -13.33 15.01 -6.50
N ILE A 143 -12.83 16.12 -7.01
CA ILE A 143 -11.47 16.18 -7.55
C ILE A 143 -10.56 16.61 -6.44
N TYR A 144 -9.53 15.80 -6.18
CA TYR A 144 -8.58 16.11 -5.10
C TYR A 144 -7.28 16.63 -5.68
N CYS A 145 -6.76 17.70 -5.06
CA CYS A 145 -5.45 18.25 -5.37
C CYS A 145 -4.77 18.64 -4.05
N ARG A 146 -3.48 18.90 -4.11
CA ARG A 146 -2.74 19.35 -2.94
C ARG A 146 -2.49 20.85 -2.98
N ASP A 147 -2.54 21.45 -4.17
CA ASP A 147 -1.99 22.77 -4.42
C ASP A 147 -3.08 23.85 -4.47
N LYS A 148 -2.87 24.97 -3.77
CA LYS A 148 -3.84 26.08 -3.75
C LYS A 148 -4.02 26.74 -5.12
N ASN A 149 -2.92 26.78 -5.87
CA ASN A 149 -2.89 27.22 -7.26
C ASN A 149 -3.82 26.36 -8.12
N TRP A 150 -3.63 25.04 -8.06
CA TRP A 150 -4.45 24.07 -8.80
C TRP A 150 -5.93 24.18 -8.43
N GLU A 151 -6.22 24.29 -7.12
CA GLU A 151 -7.59 24.28 -6.61
C GLU A 151 -8.42 25.38 -7.25
N LYS A 152 -7.88 26.59 -7.32
CA LYS A 152 -8.57 27.72 -7.96
C LYS A 152 -8.75 27.55 -9.47
N LYS A 153 -7.75 26.94 -10.11
CA LYS A 153 -7.73 26.66 -11.53
C LYS A 153 -8.85 25.67 -11.89
N ILE A 154 -8.90 24.57 -11.14
CA ILE A 154 -9.94 23.55 -11.26
C ILE A 154 -11.33 24.15 -10.96
N GLN A 155 -11.43 24.96 -9.90
CA GLN A 155 -12.71 25.58 -9.54
C GLN A 155 -13.23 26.48 -10.67
N GLU A 156 -12.34 27.26 -11.27
CA GLU A 156 -12.67 28.12 -12.42
C GLU A 156 -13.20 27.27 -13.57
N ALA A 157 -12.52 26.15 -13.84
CA ALA A 157 -12.90 25.23 -14.91
C ALA A 157 -14.30 24.65 -14.67
N ILE A 158 -14.58 24.22 -13.44
CA ILE A 158 -15.91 23.75 -13.06
C ILE A 158 -16.95 24.85 -13.26
N ASP A 159 -16.62 26.07 -12.86
CA ASP A 159 -17.55 27.19 -13.00
C ASP A 159 -17.82 27.57 -14.44
N ARG A 160 -16.77 27.64 -15.26
CA ARG A 160 -16.93 27.83 -16.72
C ARG A 160 -17.94 26.86 -17.38
N ARG A 161 -18.04 25.63 -16.87
CA ARG A 161 -19.04 24.67 -17.36
C ARG A 161 -20.45 24.99 -16.89
N THR A 162 -20.59 25.52 -15.67
CA THR A 162 -21.87 25.97 -15.14
C THR A 162 -22.36 27.20 -15.91
N ALA B 3 16.74 -4.54 -5.94
CA ALA B 3 15.52 -5.28 -5.48
C ALA B 3 15.85 -6.24 -4.34
N PRO B 4 14.88 -6.51 -3.44
CA PRO B 4 15.12 -7.51 -2.39
C PRO B 4 15.07 -8.93 -2.94
N SER B 5 15.58 -9.90 -2.18
CA SER B 5 15.39 -11.32 -2.47
C SER B 5 14.63 -11.96 -1.29
N TYR B 6 13.74 -12.90 -1.59
CA TYR B 6 12.91 -13.58 -0.58
C TYR B 6 13.17 -15.08 -0.57
N ARG B 7 13.44 -15.62 0.61
CA ARG B 7 13.43 -17.09 0.82
C ARG B 7 12.57 -17.39 2.03
N VAL B 8 12.22 -18.66 2.18
CA VAL B 8 11.45 -19.13 3.33
C VAL B 8 12.14 -20.34 3.96
N ARG B 9 12.15 -20.40 5.28
CA ARG B 9 12.67 -21.57 6.01
C ARG B 9 11.60 -22.01 7.01
N ARG B 10 11.43 -23.32 7.15
CA ARG B 10 10.70 -23.88 8.28
C ARG B 10 11.74 -24.22 9.34
N ALA B 11 11.86 -23.35 10.33
CA ALA B 11 12.93 -23.42 11.31
C ALA B 11 12.68 -22.47 12.48
N ASP B 12 13.48 -22.63 13.54
CA ASP B 12 13.45 -21.72 14.68
C ASP B 12 14.16 -20.43 14.28
N ILE B 13 13.45 -19.32 14.37
CA ILE B 13 13.98 -18.04 13.93
C ILE B 13 15.21 -17.60 14.73
N SER B 14 15.31 -18.02 16.00
CA SER B 14 16.46 -17.69 16.87
C SER B 14 17.81 -18.25 16.39
N GLY B 15 17.78 -19.31 15.57
CA GLY B 15 18.97 -19.81 14.89
C GLY B 15 19.21 -19.25 13.49
N HIS B 16 18.73 -18.05 13.18
CA HIS B 16 18.93 -17.45 11.84
C HIS B 16 20.39 -17.03 11.58
N GLY B 17 20.74 -16.96 10.28
CA GLY B 17 22.08 -16.54 9.82
C GLY B 17 22.15 -15.14 9.23
N GLU B 18 21.10 -14.35 9.43
CA GLU B 18 20.99 -12.99 8.91
C GLU B 18 21.55 -11.92 9.87
N GLU B 19 21.70 -10.71 9.35
CA GLU B 19 22.25 -9.56 10.10
C GLU B 19 21.27 -9.07 11.16
N ALA B 20 19.99 -9.16 10.89
CA ALA B 20 18.97 -8.67 11.79
C ALA B 20 17.82 -9.68 11.88
N VAL B 21 17.05 -9.55 12.94
CA VAL B 21 15.87 -10.39 13.11
C VAL B 21 14.72 -9.55 13.59
N VAL B 22 13.55 -9.80 13.05
CA VAL B 22 12.32 -9.18 13.49
C VAL B 22 11.67 -10.03 14.57
N ASN B 23 11.45 -9.43 15.74
CA ASN B 23 10.69 -10.09 16.78
C ASN B 23 9.23 -9.78 16.55
N ALA B 24 8.37 -10.79 16.67
CA ALA B 24 6.93 -10.58 16.68
C ALA B 24 6.59 -10.14 18.10
N ALA B 25 6.66 -8.83 18.33
CA ALA B 25 6.62 -8.25 19.65
C ALA B 25 5.21 -7.92 20.09
N ASN B 26 5.06 -7.69 21.40
CA ASN B 26 3.84 -7.05 21.89
C ASN B 26 4.18 -5.63 22.33
N ALA B 27 3.16 -4.78 22.38
CA ALA B 27 3.33 -3.36 22.65
C ALA B 27 4.07 -3.07 23.96
N LYS B 28 3.81 -3.87 24.99
CA LYS B 28 4.43 -3.71 26.31
C LYS B 28 5.89 -4.16 26.42
N GLY B 29 6.41 -4.80 25.37
CA GLY B 29 7.78 -5.31 25.37
C GLY B 29 7.97 -6.49 26.31
N THR B 30 6.93 -7.27 26.58
CA THR B 30 7.03 -8.42 27.45
C THR B 30 7.29 -9.65 26.61
N VAL B 31 7.70 -10.73 27.28
CA VAL B 31 8.00 -11.99 26.61
C VAL B 31 6.72 -12.82 26.51
N SER B 32 6.39 -13.22 25.29
CA SER B 32 5.23 -14.06 24.99
C SER B 32 5.75 -15.36 24.42
N ASP B 33 4.89 -16.38 24.36
CA ASP B 33 5.26 -17.67 23.78
C ASP B 33 5.47 -17.59 22.28
N GLY B 34 6.23 -18.54 21.74
CA GLY B 34 6.53 -18.60 20.32
C GLY B 34 7.82 -17.87 19.97
N VAL B 35 7.77 -17.10 18.89
CA VAL B 35 8.93 -16.36 18.39
C VAL B 35 9.54 -15.46 19.47
N CYS B 36 8.68 -14.76 20.20
CA CYS B 36 9.12 -13.78 21.18
C CYS B 36 9.93 -14.41 22.31
N ARG B 37 9.53 -15.58 22.78
CA ARG B 37 10.31 -16.31 23.78
C ARG B 37 11.67 -16.71 23.22
N ALA B 38 11.68 -17.19 21.99
CA ALA B 38 12.92 -17.62 21.33
C ALA B 38 13.96 -16.50 21.22
N VAL B 39 13.49 -15.31 20.83
CA VAL B 39 14.34 -14.14 20.71
C VAL B 39 14.88 -13.75 22.10
N ALA B 40 14.01 -13.80 23.12
CA ALA B 40 14.39 -13.42 24.49
C ALA B 40 15.39 -14.36 25.14
N LYS B 41 15.29 -15.65 24.86
CA LYS B 41 16.26 -16.63 25.39
C LYS B 41 17.62 -16.52 24.73
N LYS B 42 17.62 -16.34 23.42
CA LYS B 42 18.86 -16.22 22.64
C LYS B 42 19.56 -14.88 22.92
N TRP B 43 18.82 -13.76 22.85
CA TRP B 43 19.39 -12.42 23.09
C TRP B 43 18.62 -11.69 24.22
N PRO B 44 18.92 -12.03 25.48
CA PRO B 44 18.12 -11.50 26.61
C PRO B 44 18.18 -9.98 26.78
N SER B 45 19.34 -9.37 26.54
CA SER B 45 19.48 -7.91 26.63
C SER B 45 18.66 -7.13 25.59
N SER B 46 18.18 -7.82 24.55
CA SER B 46 17.44 -7.19 23.47
C SER B 46 16.03 -6.69 23.82
N PHE B 47 15.51 -6.96 25.02
CA PHE B 47 14.19 -6.45 25.46
C PHE B 47 14.22 -5.17 26.31
N LYS B 48 15.39 -4.72 26.76
CA LYS B 48 15.51 -3.42 27.45
C LYS B 48 14.90 -2.25 26.64
N GLY B 49 13.84 -1.64 27.16
CA GLY B 49 13.24 -0.45 26.55
C GLY B 49 12.52 -0.67 25.24
N ALA B 50 12.13 -1.90 24.96
CA ALA B 50 11.54 -2.28 23.67
C ALA B 50 10.02 -2.02 23.54
N ALA B 51 9.34 -1.54 24.57
CA ALA B 51 7.90 -1.18 24.46
C ALA B 51 7.72 -0.24 23.26
N THR B 52 6.73 -0.49 22.42
CA THR B 52 6.46 0.34 21.23
C THR B 52 4.97 0.20 20.83
N PRO B 53 4.33 1.28 20.35
CA PRO B 53 2.92 1.15 19.99
C PRO B 53 2.65 0.16 18.87
N VAL B 54 1.42 -0.36 18.85
CA VAL B 54 0.95 -1.25 17.78
C VAL B 54 1.16 -0.52 16.44
N GLY B 55 1.67 -1.24 15.47
CA GLY B 55 1.85 -0.70 14.12
C GLY B 55 3.18 0.01 13.91
N THR B 56 4.09 -0.08 14.87
CA THR B 56 5.41 0.53 14.83
C THR B 56 6.45 -0.56 15.07
N ALA B 57 7.71 -0.19 14.92
CA ALA B 57 8.83 -1.08 15.23
C ALA B 57 9.98 -0.28 15.86
N LYS B 58 10.77 -0.99 16.64
CA LYS B 58 11.81 -0.40 17.44
C LYS B 58 13.00 -1.33 17.41
N MET B 59 14.13 -0.81 16.96
CA MET B 59 15.37 -1.58 16.84
C MET B 59 16.30 -1.40 18.05
N ILE B 60 17.04 -2.47 18.33
CA ILE B 60 18.07 -2.47 19.36
C ILE B 60 19.22 -3.35 18.88
N ARG B 61 20.44 -2.92 19.17
CA ARG B 61 21.60 -3.78 19.02
C ARG B 61 21.94 -4.28 20.41
N ALA B 62 21.95 -5.61 20.57
CA ALA B 62 22.20 -6.26 21.87
C ALA B 62 22.66 -7.70 21.66
N ASP B 63 23.64 -8.12 22.48
CA ASP B 63 24.13 -9.50 22.47
C ASP B 63 24.61 -9.92 21.06
N GLY B 64 25.25 -8.99 20.35
CA GLY B 64 25.74 -9.23 18.99
C GLY B 64 24.70 -9.37 17.90
N MET B 65 23.47 -8.93 18.16
CA MET B 65 22.39 -9.08 17.18
C MET B 65 21.67 -7.74 17.04
N THR B 66 21.07 -7.55 15.88
CA THR B 66 20.17 -6.42 15.64
C THR B 66 18.79 -7.02 15.69
N VAL B 67 18.04 -6.65 16.72
CA VAL B 67 16.68 -7.11 16.93
C VAL B 67 15.75 -5.94 16.60
N ILE B 68 14.74 -6.20 15.77
CA ILE B 68 13.69 -5.22 15.43
C ILE B 68 12.34 -5.70 16.04
N HIS B 69 11.89 -5.05 17.10
CA HIS B 69 10.63 -5.40 17.75
C HIS B 69 9.46 -4.78 17.00
N ALA B 70 8.75 -5.59 16.24
CA ALA B 70 7.65 -5.10 15.42
C ALA B 70 6.34 -5.58 16.03
N VAL B 71 5.44 -4.64 16.28
CA VAL B 71 4.18 -4.90 16.97
C VAL B 71 3.05 -4.83 15.96
N GLY B 72 2.60 -6.01 15.54
CA GLY B 72 1.43 -6.10 14.69
C GLY B 72 0.17 -6.04 15.55
N PRO B 73 -0.99 -5.76 14.94
CA PRO B 73 -2.24 -5.63 15.71
C PRO B 73 -2.74 -6.96 16.21
N ASN B 74 -3.46 -6.91 17.33
CA ASN B 74 -4.25 -8.04 17.77
C ASN B 74 -5.62 -7.83 17.13
N PHE B 75 -5.97 -8.73 16.21
CA PHE B 75 -7.21 -8.62 15.45
C PHE B 75 -8.53 -8.77 16.24
N SER B 76 -8.46 -9.24 17.49
CA SER B 76 -9.61 -9.15 18.41
C SER B 76 -9.91 -7.76 18.95
N THR B 77 -8.98 -6.82 18.79
CA THR B 77 -9.05 -5.49 19.41
C THR B 77 -9.26 -4.33 18.42
N VAL B 78 -9.35 -4.67 17.13
CA VAL B 78 -9.53 -3.71 16.04
C VAL B 78 -10.56 -4.27 15.03
N THR B 79 -11.14 -3.38 14.26
CA THR B 79 -11.88 -3.80 13.08
C THR B 79 -10.90 -4.40 12.05
N GLU B 80 -11.44 -5.15 11.11
CA GLU B 80 -10.61 -5.79 10.09
C GLU B 80 -9.78 -4.78 9.27
N ALA B 81 -10.41 -3.72 8.79
CA ALA B 81 -9.73 -2.69 8.04
C ALA B 81 -8.64 -2.01 8.87
N GLU B 82 -8.97 -1.70 10.12
CA GLU B 82 -8.01 -1.04 11.02
C GLU B 82 -6.79 -1.92 11.27
N GLY B 83 -7.05 -3.19 11.57
CA GLY B 83 -5.96 -4.14 11.76
C GLY B 83 -5.10 -4.30 10.51
N ASP B 84 -5.75 -4.34 9.36
CA ASP B 84 -5.03 -4.43 8.09
C ASP B 84 -4.09 -3.23 7.91
N ARG B 85 -4.58 -2.03 8.24
CA ARG B 85 -3.77 -0.83 8.19
C ARG B 85 -2.53 -0.91 9.11
N GLU B 86 -2.78 -1.27 10.37
CA GLU B 86 -1.74 -1.34 11.38
C GLU B 86 -0.76 -2.47 11.07
N LEU B 87 -1.23 -3.55 10.44
CA LEU B 87 -0.33 -4.65 10.11
C LEU B 87 0.66 -4.24 8.99
N ALA B 88 0.13 -3.60 7.96
CA ALA B 88 0.91 -3.04 6.88
C ALA B 88 1.90 -2.01 7.44
N ALA B 89 1.41 -1.17 8.36
CA ALA B 89 2.25 -0.16 9.00
C ALA B 89 3.44 -0.76 9.76
N ALA B 90 3.20 -1.85 10.48
CA ALA B 90 4.27 -2.49 11.22
C ALA B 90 5.35 -2.93 10.26
N TYR B 91 4.97 -3.58 9.18
CA TYR B 91 5.93 -4.00 8.16
C TYR B 91 6.63 -2.82 7.50
N ARG B 92 5.92 -1.73 7.22
CA ARG B 92 6.60 -0.55 6.71
C ARG B 92 7.64 0.00 7.68
N ALA B 93 7.33 -0.05 8.97
CA ALA B 93 8.26 0.41 10.00
C ALA B 93 9.50 -0.47 10.02
N VAL B 94 9.31 -1.77 9.83
CA VAL B 94 10.43 -2.69 9.70
C VAL B 94 11.30 -2.32 8.49
N ALA B 95 10.66 -2.13 7.33
CA ALA B 95 11.38 -1.81 6.10
C ALA B 95 12.18 -0.49 6.23
N SER B 96 11.59 0.50 6.89
CA SER B 96 12.25 1.78 7.12
C SER B 96 13.49 1.62 8.01
N ILE B 97 13.39 0.80 9.05
CA ILE B 97 14.54 0.44 9.87
C ILE B 97 15.63 -0.25 9.04
N ILE B 98 15.23 -1.20 8.19
CA ILE B 98 16.18 -1.92 7.34
C ILE B 98 16.95 -0.95 6.43
N SER B 99 16.19 -0.12 5.72
CA SER B 99 16.72 0.84 4.77
CA SER B 99 16.76 0.82 4.76
C SER B 99 17.64 1.89 5.40
N THR B 100 17.16 2.51 6.49
CA THR B 100 17.88 3.64 7.10
C THR B 100 19.14 3.22 7.87
N ASN B 101 19.21 1.96 8.27
CA ASN B 101 20.36 1.40 8.98
C ASN B 101 21.21 0.53 8.07
N ASN B 102 20.85 0.44 6.79
CA ASN B 102 21.65 -0.25 5.77
C ASN B 102 21.84 -1.73 6.10
N ILE B 103 20.75 -2.34 6.55
CA ILE B 103 20.74 -3.76 6.93
C ILE B 103 20.61 -4.56 5.63
N LYS B 104 21.49 -5.54 5.43
CA LYS B 104 21.56 -6.29 4.16
C LYS B 104 20.79 -7.61 4.16
N SER B 105 20.48 -8.15 5.33
CA SER B 105 19.73 -9.38 5.42
C SER B 105 18.95 -9.40 6.70
N VAL B 106 17.77 -10.02 6.65
CA VAL B 106 16.86 -10.02 7.80
C VAL B 106 15.97 -11.26 7.84
N ALA B 107 15.85 -11.80 9.05
CA ALA B 107 14.95 -12.90 9.36
C ALA B 107 13.63 -12.32 9.83
N VAL B 108 12.52 -12.70 9.18
CA VAL B 108 11.22 -12.11 9.47
C VAL B 108 10.17 -13.20 9.70
N PRO B 109 9.42 -13.12 10.81
CA PRO B 109 8.27 -13.99 11.00
C PRO B 109 7.01 -13.31 10.42
N LEU B 110 5.94 -14.07 10.24
CA LEU B 110 4.70 -13.47 9.78
C LEU B 110 3.91 -12.84 10.94
N LEU B 111 3.85 -11.52 10.97
CA LEU B 111 3.20 -10.80 12.08
C LEU B 111 1.69 -11.05 12.11
N SER B 112 1.12 -10.99 13.33
CA SER B 112 -0.32 -11.16 13.58
C SER B 112 -0.96 -12.48 13.08
N THR B 113 -0.18 -13.55 13.02
CA THR B 113 -0.70 -14.84 12.59
C THR B 113 -0.98 -15.84 13.72
N GLY B 114 -0.61 -15.54 14.95
CA GLY B 114 -0.78 -16.53 16.02
C GLY B 114 -1.91 -16.13 16.93
N THR B 115 -1.58 -15.85 18.19
CA THR B 115 -2.58 -15.41 19.17
C THR B 115 -3.18 -14.01 18.80
N PHE B 116 -2.52 -13.26 17.93
CA PHE B 116 -3.06 -11.97 17.42
C PHE B 116 -3.97 -12.10 16.20
N SER B 117 -4.16 -13.31 15.69
CA SER B 117 -4.91 -13.49 14.44
C SER B 117 -6.43 -13.32 14.56
N GLY B 118 -6.97 -13.29 15.78
CA GLY B 118 -8.40 -13.08 15.98
C GLY B 118 -9.26 -14.21 15.44
N GLY B 119 -8.76 -15.44 15.56
CA GLY B 119 -9.45 -16.62 15.06
C GLY B 119 -9.25 -16.98 13.61
N LYS B 120 -8.82 -16.04 12.77
CA LYS B 120 -8.75 -16.25 11.32
C LYS B 120 -7.33 -16.51 10.85
N ASP B 121 -7.22 -17.16 9.70
CA ASP B 121 -5.94 -17.47 9.08
C ASP B 121 -5.46 -16.21 8.39
N ARG B 122 -4.31 -15.70 8.81
CA ARG B 122 -3.76 -14.47 8.28
C ARG B 122 -2.40 -14.62 7.63
N VAL B 123 -2.08 -15.85 7.21
CA VAL B 123 -0.77 -16.13 6.64
C VAL B 123 -0.58 -15.32 5.37
N MET B 124 -1.50 -15.46 4.41
CA MET B 124 -1.39 -14.79 3.12
C MET B 124 -1.58 -13.26 3.25
N GLN B 125 -2.50 -12.83 4.10
CA GLN B 125 -2.66 -11.39 4.40
C GLN B 125 -1.35 -10.76 4.92
N SER B 126 -0.73 -11.40 5.90
CA SER B 126 0.49 -10.89 6.50
C SER B 126 1.65 -10.95 5.51
N LEU B 127 1.78 -12.06 4.80
CA LEU B 127 2.79 -12.20 3.78
C LEU B 127 2.72 -11.10 2.73
N ASN B 128 1.52 -10.75 2.28
CA ASN B 128 1.32 -9.71 1.25
CA ASN B 128 1.44 -9.75 1.22
C ASN B 128 1.88 -8.36 1.72
N HIS B 129 1.61 -8.04 2.98
CA HIS B 129 2.13 -6.79 3.53
C HIS B 129 3.62 -6.82 3.78
N LEU B 130 4.15 -8.02 4.02
CA LEU B 130 5.57 -8.23 4.19
C LEU B 130 6.25 -7.89 2.89
N PHE B 131 5.79 -8.52 1.79
CA PHE B 131 6.32 -8.24 0.45
C PHE B 131 6.23 -6.76 0.10
N THR B 132 5.03 -6.20 0.21
CA THR B 132 4.83 -4.78 -0.12
C THR B 132 5.85 -3.87 0.58
N ALA B 133 6.06 -4.10 1.87
CA ALA B 133 6.96 -3.26 2.68
C ALA B 133 8.41 -3.43 2.28
N LEU B 134 8.85 -4.69 2.20
CA LEU B 134 10.25 -5.00 2.02
C LEU B 134 10.70 -4.88 0.57
N ASP B 135 9.76 -4.84 -0.36
CA ASP B 135 10.08 -4.43 -1.74
C ASP B 135 10.71 -3.04 -1.81
N ALA B 136 10.50 -2.21 -0.80
CA ALA B 136 11.17 -0.90 -0.76
C ALA B 136 12.63 -0.99 -0.31
N THR B 137 13.10 -2.18 0.08
CA THR B 137 14.48 -2.38 0.52
C THR B 137 15.26 -3.18 -0.51
N ASP B 138 16.58 -3.20 -0.37
CA ASP B 138 17.42 -4.13 -1.12
C ASP B 138 17.95 -5.29 -0.24
N ALA B 139 17.25 -5.62 0.84
CA ALA B 139 17.72 -6.65 1.76
C ALA B 139 17.41 -8.07 1.23
N ASP B 140 18.23 -9.03 1.66
CA ASP B 140 17.91 -10.45 1.50
C ASP B 140 17.03 -10.87 2.67
N VAL B 141 15.76 -11.17 2.37
CA VAL B 141 14.75 -11.44 3.38
C VAL B 141 14.55 -12.95 3.48
N VAL B 142 14.65 -13.48 4.68
CA VAL B 142 14.34 -14.87 4.97
C VAL B 142 13.14 -14.89 5.88
N ILE B 143 12.04 -15.42 5.35
CA ILE B 143 10.79 -15.56 6.08
C ILE B 143 10.84 -16.88 6.83
N TYR B 144 10.59 -16.82 8.13
CA TYR B 144 10.60 -18.02 8.98
C TYR B 144 9.17 -18.42 9.29
N CYS B 145 8.90 -19.72 9.23
CA CYS B 145 7.61 -20.31 9.64
C CYS B 145 7.87 -21.55 10.48
N ARG B 146 6.82 -22.04 11.12
CA ARG B 146 6.93 -23.23 12.01
C ARG B 146 6.11 -24.41 11.50
N ASP B 147 5.82 -24.40 10.19
CA ASP B 147 4.85 -25.32 9.59
C ASP B 147 5.17 -25.56 8.11
N LYS B 148 5.11 -26.82 7.71
CA LYS B 148 5.38 -27.25 6.33
C LYS B 148 4.40 -26.64 5.30
N ASN B 149 3.12 -26.60 5.71
CA ASN B 149 2.05 -26.11 4.86
C ASN B 149 2.19 -24.61 4.58
N TRP B 150 2.55 -23.86 5.62
CA TRP B 150 2.94 -22.44 5.47
C TRP B 150 4.13 -22.30 4.51
N GLU B 151 5.13 -23.18 4.66
CA GLU B 151 6.37 -23.13 3.88
C GLU B 151 6.06 -23.24 2.39
N LYS B 152 5.21 -24.20 2.06
CA LYS B 152 4.76 -24.44 0.69
C LYS B 152 4.07 -23.21 0.10
N LYS B 153 3.05 -22.72 0.79
CA LYS B 153 2.26 -21.57 0.33
C LYS B 153 3.09 -20.30 0.15
N ILE B 154 4.01 -20.08 1.09
CA ILE B 154 4.93 -18.93 1.05
C ILE B 154 5.87 -19.05 -0.17
N GLN B 155 6.48 -20.22 -0.34
CA GLN B 155 7.37 -20.47 -1.48
C GLN B 155 6.66 -20.24 -2.81
N GLU B 156 5.42 -20.72 -2.92
CA GLU B 156 4.62 -20.51 -4.13
C GLU B 156 4.32 -19.02 -4.37
N ALA B 157 4.09 -18.27 -3.30
CA ALA B 157 3.91 -16.82 -3.41
C ALA B 157 5.17 -16.11 -3.89
N ILE B 158 6.34 -16.52 -3.38
CA ILE B 158 7.62 -15.96 -3.80
C ILE B 158 7.85 -16.26 -5.27
N ASP B 159 7.57 -17.51 -5.66
CA ASP B 159 7.74 -17.96 -7.04
C ASP B 159 6.92 -17.14 -8.02
N ARG B 160 5.61 -17.00 -7.75
CA ARG B 160 4.71 -16.26 -8.62
C ARG B 160 5.20 -14.84 -8.90
N ARG B 161 5.69 -14.16 -7.88
CA ARG B 161 6.07 -12.75 -8.03
C ARG B 161 7.47 -12.48 -8.61
N THR B 162 8.29 -13.50 -8.82
CA THR B 162 9.67 -13.30 -9.32
C THR B 162 9.66 -13.02 -10.83
C1 PEG C . -0.94 -6.84 -16.83
O1 PEG C . -2.01 -7.25 -16.00
C2 PEG C . -0.44 -5.47 -16.41
O2 PEG C . 0.92 -5.32 -16.83
C3 PEG C . 1.87 -4.85 -15.87
C4 PEG C . 2.93 -5.91 -15.59
O4 PEG C . 2.87 -6.31 -14.22
C1 EDO D . 3.62 1.17 26.58
O1 EDO D . 3.12 0.30 27.59
C2 EDO D . 3.16 0.64 25.22
O2 EDO D . 3.63 1.45 24.14
#